data_2ZSH
#
_entry.id   2ZSH
#
_cell.length_a   82.018
_cell.length_b   82.018
_cell.length_c   130.080
_cell.angle_alpha   90.00
_cell.angle_beta   90.00
_cell.angle_gamma   90.00
#
_symmetry.space_group_name_H-M   'P 43 21 2'
#
loop_
_entity.id
_entity.type
_entity.pdbx_description
1 polymer 'Probable gibberellin receptor GID1L1'
2 polymer 'DELLA protein GAI'
3 non-polymer 'GIBBERELLIN A3'
4 water water
#
loop_
_entity_poly.entity_id
_entity_poly.type
_entity_poly.pdbx_seq_one_letter_code
_entity_poly.pdbx_strand_id
1 'polypeptide(L)'
;GPGYNEPMAASDEVNLIESRTVVPLNTWVLISNFKVAYNILRRPDGTFNRHLAEYLDRKVTANANPVDGVFSFDVLIDRR
INLLSRVYRPAYADQEQPPSILDLEKPVDGDIVPVILFFHGGSFAHSSANSAIYDTLCRRLVGLCKCVVVSVNYRRAPEN
PYPCAYDDGWIALNWVNSRSWLKSKKDSKVHIFLAGDSSGGNIAHNVALRAGESGIDVLGNILLNPMFGGNERTESEKSL
DGKYFVTVRDRDWYWKAFLPEGEDREHPACNPFSPRGKSLEGVSFPKSLVVVAGLDLIRDWQLAYAEGLKKAGQEVKLMH
LEKATVGFYLLPNNNHFHNVMDEISAFVNAE
;
A
2 'polypeptide(L)'
;GPGYNEPQDKKTMMMNEEDDGNGMDELLAVLGYKVRSSEMADVAQKLEQLEVMMSNVQEDDLSQLATETVHYNPAELYTW
LDSMLTDLNPPSSNAEYDLKAIPGDAILNQ
;
B
#
loop_
_chem_comp.id
_chem_comp.type
_chem_comp.name
_chem_comp.formula
GA3 non-polymer 'GIBBERELLIN A3' 'C19 H22 O6'
#
# COMPACT_ATOMS: atom_id res chain seq x y z
N GLU A 13 -3.40 9.02 -29.85
CA GLU A 13 -3.00 9.78 -28.63
C GLU A 13 -2.23 8.88 -27.65
N VAL A 14 -2.79 7.71 -27.34
CA VAL A 14 -2.15 6.79 -26.42
C VAL A 14 -0.82 6.26 -26.97
N ASN A 15 0.24 6.44 -26.18
CA ASN A 15 1.58 5.99 -26.51
C ASN A 15 2.28 5.77 -25.18
N LEU A 16 2.53 4.51 -24.85
CA LEU A 16 3.14 4.16 -23.57
C LEU A 16 4.62 3.82 -23.65
N ILE A 17 5.24 4.10 -24.79
CA ILE A 17 6.66 3.80 -24.93
C ILE A 17 7.46 4.48 -23.82
N GLU A 18 7.11 5.74 -23.49
CA GLU A 18 7.84 6.47 -22.46
C GLU A 18 7.92 5.80 -21.10
N SER A 19 6.80 5.32 -20.59
CA SER A 19 6.82 4.67 -19.28
C SER A 19 7.60 3.34 -19.29
N ARG A 20 7.70 2.71 -20.45
CA ARG A 20 8.43 1.45 -20.52
C ARG A 20 9.94 1.66 -20.40
N THR A 21 10.40 2.87 -20.68
CA THR A 21 11.82 3.17 -20.62
C THR A 21 12.37 3.26 -19.20
N VAL A 22 11.50 3.52 -18.22
CA VAL A 22 11.95 3.68 -16.85
C VAL A 22 11.79 2.50 -15.90
N VAL A 23 11.09 1.45 -16.32
CA VAL A 23 10.90 0.30 -15.43
C VAL A 23 11.07 -1.04 -16.14
N PRO A 24 11.39 -2.11 -15.38
CA PRO A 24 11.55 -3.44 -15.95
C PRO A 24 10.23 -3.80 -16.59
N LEU A 25 10.27 -4.62 -17.64
CA LEU A 25 9.05 -4.99 -18.35
C LEU A 25 8.00 -5.71 -17.51
N ASN A 26 8.40 -6.60 -16.59
CA ASN A 26 7.40 -7.28 -15.79
C ASN A 26 6.74 -6.32 -14.80
N THR A 27 7.49 -5.34 -14.31
CA THR A 27 6.93 -4.33 -13.41
C THR A 27 5.92 -3.50 -14.20
N TRP A 28 6.28 -3.17 -15.44
CA TRP A 28 5.42 -2.37 -16.30
C TRP A 28 4.10 -3.09 -16.54
N VAL A 29 4.17 -4.40 -16.77
CA VAL A 29 2.98 -5.20 -17.00
C VAL A 29 2.09 -5.22 -15.74
N LEU A 30 2.70 -5.40 -14.57
CA LEU A 30 1.94 -5.44 -13.33
C LEU A 30 1.19 -4.14 -13.08
N ILE A 31 1.91 -3.02 -13.10
CA ILE A 31 1.26 -1.73 -12.83
C ILE A 31 0.28 -1.31 -13.93
N SER A 32 0.61 -1.60 -15.18
CA SER A 32 -0.28 -1.23 -16.27
C SER A 32 -1.57 -2.07 -16.23
N ASN A 33 -1.45 -3.31 -15.77
CA ASN A 33 -2.63 -4.17 -15.68
C ASN A 33 -3.57 -3.57 -14.63
N PHE A 34 -3.04 -3.12 -13.50
CA PHE A 34 -3.87 -2.50 -12.47
C PHE A 34 -4.48 -1.22 -13.06
N LYS A 35 -3.66 -0.43 -13.74
CA LYS A 35 -4.11 0.81 -14.36
C LYS A 35 -5.34 0.60 -15.24
N VAL A 36 -5.28 -0.37 -16.14
CA VAL A 36 -6.42 -0.62 -17.02
C VAL A 36 -7.62 -1.19 -16.27
N ALA A 37 -7.39 -2.13 -15.37
CA ALA A 37 -8.48 -2.72 -14.62
C ALA A 37 -9.20 -1.67 -13.78
N TYR A 38 -8.42 -0.80 -13.11
CA TYR A 38 -9.01 0.23 -12.27
C TYR A 38 -9.81 1.25 -13.08
N ASN A 39 -9.43 1.46 -14.35
CA ASN A 39 -10.17 2.38 -15.23
C ASN A 39 -11.61 1.86 -15.34
N ILE A 40 -11.73 0.53 -15.40
CA ILE A 40 -13.03 -0.11 -15.52
C ILE A 40 -13.84 -0.05 -14.23
N LEU A 41 -13.15 -0.23 -13.10
CA LEU A 41 -13.80 -0.20 -11.80
C LEU A 41 -14.32 1.18 -11.39
N ARG A 42 -13.62 2.25 -11.77
CA ARG A 42 -14.06 3.60 -11.46
C ARG A 42 -15.12 4.04 -12.46
N ARG A 43 -16.29 4.46 -11.97
CA ARG A 43 -17.33 4.94 -12.87
C ARG A 43 -17.39 6.47 -12.88
N PRO A 44 -17.68 7.05 -14.05
CA PRO A 44 -17.77 8.51 -14.22
C PRO A 44 -18.66 9.20 -13.18
N ASP A 45 -19.74 8.53 -12.79
CA ASP A 45 -20.67 9.11 -11.82
C ASP A 45 -20.24 9.01 -10.37
N GLY A 46 -19.03 8.51 -10.13
CA GLY A 46 -18.55 8.40 -8.76
C GLY A 46 -18.81 7.07 -8.09
N THR A 47 -19.53 6.17 -8.75
CA THR A 47 -19.79 4.86 -8.16
C THR A 47 -18.59 3.96 -8.48
N PHE A 48 -18.52 2.82 -7.78
CA PHE A 48 -17.40 1.90 -7.94
C PHE A 48 -17.92 0.47 -8.14
N ASN A 49 -17.33 -0.28 -9.06
CA ASN A 49 -17.75 -1.66 -9.30
C ASN A 49 -17.03 -2.57 -8.30
N ARG A 50 -17.54 -2.58 -7.08
CA ARG A 50 -16.94 -3.38 -6.00
C ARG A 50 -16.93 -4.88 -6.26
N HIS A 51 -18.03 -5.40 -6.82
CA HIS A 51 -18.09 -6.84 -7.10
C HIS A 51 -17.00 -7.27 -8.07
N LEU A 52 -16.83 -6.54 -9.15
CA LEU A 52 -15.80 -6.89 -10.12
C LEU A 52 -14.42 -6.67 -9.53
N ALA A 53 -14.27 -5.62 -8.74
CA ALA A 53 -12.98 -5.30 -8.12
C ALA A 53 -12.50 -6.46 -7.25
N GLU A 54 -13.38 -6.98 -6.41
CA GLU A 54 -13.00 -8.06 -5.52
C GLU A 54 -12.83 -9.38 -6.27
N TYR A 55 -13.41 -9.47 -7.47
CA TYR A 55 -13.26 -10.67 -8.28
C TYR A 55 -11.90 -10.66 -8.99
N LEU A 56 -11.51 -9.50 -9.53
CA LEU A 56 -10.24 -9.36 -10.23
C LEU A 56 -9.01 -9.42 -9.32
N ASP A 57 -9.13 -8.88 -8.12
CA ASP A 57 -8.00 -8.87 -7.19
C ASP A 57 -7.51 -10.27 -6.90
N ARG A 58 -6.19 -10.42 -6.85
CA ARG A 58 -5.56 -11.71 -6.58
C ARG A 58 -5.31 -11.77 -5.07
N LYS A 59 -5.96 -12.72 -4.41
CA LYS A 59 -5.84 -12.84 -2.95
C LYS A 59 -5.23 -14.15 -2.49
N VAL A 60 -4.75 -14.17 -1.25
CA VAL A 60 -4.15 -15.36 -0.67
C VAL A 60 -4.58 -15.51 0.78
N THR A 61 -4.71 -16.75 1.23
CA THR A 61 -5.12 -17.03 2.61
C THR A 61 -3.91 -16.93 3.52
N ALA A 62 -4.15 -16.98 4.83
CA ALA A 62 -3.07 -16.96 5.78
C ALA A 62 -2.53 -18.38 5.75
N ASN A 63 -1.42 -18.62 6.44
CA ASN A 63 -0.85 -19.97 6.46
C ASN A 63 0.03 -20.14 7.68
N ALA A 64 -0.39 -21.02 8.59
CA ALA A 64 0.35 -21.29 9.82
C ALA A 64 1.70 -21.96 9.54
N ASN A 65 1.82 -22.56 8.36
CA ASN A 65 3.05 -23.23 7.95
C ASN A 65 4.09 -22.22 7.52
N PRO A 66 5.28 -22.26 8.13
CA PRO A 66 6.33 -21.31 7.76
C PRO A 66 6.80 -21.46 6.32
N VAL A 67 6.87 -20.34 5.60
CA VAL A 67 7.34 -20.32 4.22
C VAL A 67 8.41 -19.23 4.19
N ASP A 68 9.62 -19.59 3.79
CA ASP A 68 10.73 -18.65 3.74
C ASP A 68 10.93 -18.04 5.12
N GLY A 69 10.66 -18.83 6.14
CA GLY A 69 10.83 -18.37 7.51
C GLY A 69 9.75 -17.42 8.02
N VAL A 70 8.59 -17.42 7.37
CA VAL A 70 7.51 -16.53 7.78
C VAL A 70 6.16 -17.25 7.77
N PHE A 71 5.37 -17.07 8.82
CA PHE A 71 4.04 -17.67 8.84
C PHE A 71 3.04 -16.57 9.18
N SER A 72 1.76 -16.83 8.97
CA SER A 72 0.74 -15.81 9.23
C SER A 72 -0.58 -16.36 9.70
N PHE A 73 -1.41 -15.48 10.27
CA PHE A 73 -2.74 -15.87 10.72
C PHE A 73 -3.61 -14.63 10.79
N ASP A 74 -4.90 -14.81 10.52
CA ASP A 74 -5.84 -13.70 10.55
C ASP A 74 -6.53 -13.57 11.90
N VAL A 75 -6.84 -12.33 12.26
CA VAL A 75 -7.49 -12.04 13.53
C VAL A 75 -8.65 -11.08 13.35
N LEU A 76 -9.77 -11.37 14.01
CA LEU A 76 -10.93 -10.50 13.95
C LEU A 76 -10.78 -9.51 15.11
N ILE A 77 -10.36 -8.29 14.80
CA ILE A 77 -10.15 -7.26 15.81
C ILE A 77 -11.43 -6.61 16.31
N ASP A 78 -12.44 -6.52 15.46
CA ASP A 78 -13.71 -5.93 15.86
C ASP A 78 -14.87 -6.48 15.06
N ARG A 79 -15.78 -7.16 15.73
CA ARG A 79 -16.93 -7.78 15.07
C ARG A 79 -17.94 -6.83 14.45
N ARG A 80 -18.34 -5.79 15.18
CA ARG A 80 -19.34 -4.87 14.67
C ARG A 80 -19.09 -4.43 13.23
N ILE A 81 -17.82 -4.27 12.87
CA ILE A 81 -17.48 -3.85 11.52
C ILE A 81 -16.69 -4.91 10.75
N ASN A 82 -16.56 -6.09 11.36
CA ASN A 82 -15.82 -7.19 10.75
C ASN A 82 -14.43 -6.75 10.32
N LEU A 83 -13.73 -6.10 11.24
CA LEU A 83 -12.37 -5.61 10.94
C LEU A 83 -11.36 -6.72 11.17
N LEU A 84 -10.68 -7.12 10.10
CA LEU A 84 -9.68 -8.17 10.16
C LEU A 84 -8.29 -7.56 10.00
N SER A 85 -7.29 -8.30 10.47
CA SER A 85 -5.90 -7.90 10.34
C SER A 85 -5.14 -9.20 10.23
N ARG A 86 -4.09 -9.20 9.41
CA ARG A 86 -3.30 -10.40 9.24
C ARG A 86 -1.97 -10.19 9.94
N VAL A 87 -1.59 -11.15 10.79
CA VAL A 87 -0.36 -11.09 11.53
C VAL A 87 0.69 -11.97 10.86
N TYR A 88 1.89 -11.40 10.69
CA TYR A 88 3.02 -12.10 10.06
C TYR A 88 4.13 -12.21 11.10
N ARG A 89 4.65 -13.41 11.29
CA ARG A 89 5.71 -13.62 12.26
C ARG A 89 6.80 -14.54 11.74
N PRO A 90 8.03 -14.37 12.23
CA PRO A 90 9.12 -15.24 11.78
C PRO A 90 8.90 -16.63 12.38
N ALA A 91 9.30 -17.67 11.66
CA ALA A 91 9.13 -19.05 12.14
C ALA A 91 9.73 -19.26 13.52
N TYR A 92 9.03 -19.99 14.37
CA TYR A 92 9.51 -20.27 15.73
C TYR A 92 10.76 -21.15 15.68
N ALA A 93 11.72 -20.85 16.54
CA ALA A 93 12.95 -21.62 16.59
C ALA A 93 12.65 -22.94 17.33
N ASP A 94 13.33 -24.00 16.91
CA ASP A 94 13.15 -25.31 17.53
C ASP A 94 11.69 -25.76 17.50
N GLN A 95 11.04 -25.56 16.36
CA GLN A 95 9.65 -25.96 16.20
C GLN A 95 9.60 -27.39 15.66
N GLU A 96 9.07 -28.30 16.46
CA GLU A 96 8.97 -29.71 16.08
C GLU A 96 7.77 -29.98 15.18
N GLN A 97 6.72 -29.19 15.36
CA GLN A 97 5.50 -29.33 14.57
C GLN A 97 5.00 -27.94 14.19
N PRO A 98 4.21 -27.84 13.12
CA PRO A 98 3.70 -26.53 12.72
C PRO A 98 2.78 -25.98 13.81
N PRO A 99 2.63 -24.65 13.87
CA PRO A 99 1.76 -24.02 14.87
C PRO A 99 0.29 -24.39 14.73
N SER A 100 -0.33 -24.80 15.83
CA SER A 100 -1.75 -25.13 15.83
C SER A 100 -2.43 -23.80 16.11
N ILE A 101 -3.76 -23.76 16.07
CA ILE A 101 -4.46 -22.50 16.33
C ILE A 101 -4.27 -22.02 17.77
N LEU A 102 -3.68 -22.86 18.61
CA LEU A 102 -3.44 -22.49 19.99
C LEU A 102 -2.00 -22.02 20.20
N ASP A 103 -1.19 -22.05 19.14
CA ASP A 103 0.21 -21.65 19.23
C ASP A 103 0.53 -20.37 18.46
N LEU A 104 -0.50 -19.70 17.94
CA LEU A 104 -0.30 -18.49 17.16
C LEU A 104 0.10 -17.25 17.93
N GLU A 105 -0.30 -17.15 19.19
CA GLU A 105 0.00 -15.97 20.00
C GLU A 105 1.12 -16.18 21.01
N LYS A 106 2.09 -17.01 20.64
CA LYS A 106 3.24 -17.30 21.48
C LYS A 106 4.03 -16.01 21.72
N PRO A 107 4.32 -15.68 22.98
CA PRO A 107 5.06 -14.47 23.35
C PRO A 107 6.34 -14.27 22.54
N VAL A 108 6.54 -13.07 22.01
CA VAL A 108 7.72 -12.78 21.21
C VAL A 108 8.98 -12.96 22.06
N ASP A 109 10.00 -13.56 21.46
CA ASP A 109 11.27 -13.78 22.16
C ASP A 109 12.33 -12.84 21.58
N GLY A 110 12.84 -11.96 22.44
CA GLY A 110 13.85 -11.02 22.02
C GLY A 110 13.78 -9.80 22.92
N ASP A 111 14.94 -9.18 23.16
CA ASP A 111 14.98 -8.00 24.03
C ASP A 111 14.26 -6.84 23.35
N ILE A 112 14.44 -6.73 22.04
CA ILE A 112 13.81 -5.68 21.26
C ILE A 112 13.18 -6.36 20.05
N VAL A 113 11.85 -6.34 19.98
CA VAL A 113 11.14 -6.96 18.86
C VAL A 113 10.19 -5.93 18.24
N PRO A 114 10.65 -5.25 17.18
CA PRO A 114 9.79 -4.25 16.55
C PRO A 114 8.55 -4.86 15.92
N VAL A 115 7.45 -4.12 15.99
CA VAL A 115 6.18 -4.56 15.41
C VAL A 115 5.74 -3.47 14.43
N ILE A 116 5.62 -3.82 13.16
CA ILE A 116 5.20 -2.84 12.16
C ILE A 116 3.70 -2.97 11.87
N LEU A 117 2.95 -1.92 12.18
CA LEU A 117 1.52 -1.90 11.90
C LEU A 117 1.41 -1.30 10.51
N PHE A 118 1.14 -2.17 9.53
CA PHE A 118 1.07 -1.79 8.12
C PHE A 118 -0.32 -1.55 7.53
N PHE A 119 -0.42 -0.50 6.71
CA PHE A 119 -1.66 -0.15 6.02
C PHE A 119 -1.36 -0.17 4.52
N HIS A 120 -2.03 -1.05 3.79
CA HIS A 120 -1.82 -1.19 2.34
C HIS A 120 -2.28 0.04 1.56
N GLY A 121 -1.79 0.16 0.33
CA GLY A 121 -2.16 1.26 -0.54
C GLY A 121 -3.36 0.93 -1.39
N GLY A 122 -3.63 1.73 -2.41
CA GLY A 122 -4.79 1.46 -3.24
C GLY A 122 -5.71 2.68 -3.31
N SER A 123 -5.15 3.83 -2.94
CA SER A 123 -5.88 5.10 -3.00
C SER A 123 -7.21 5.14 -2.22
N PHE A 124 -7.27 4.39 -1.12
CA PHE A 124 -8.44 4.29 -0.24
C PHE A 124 -9.60 3.45 -0.77
N ALA A 125 -9.55 3.06 -2.04
CA ALA A 125 -10.63 2.27 -2.63
C ALA A 125 -10.29 0.84 -3.03
N HIS A 126 -9.01 0.59 -3.29
CA HIS A 126 -8.56 -0.73 -3.75
C HIS A 126 -7.74 -1.54 -2.75
N SER A 127 -7.70 -2.86 -3.02
CA SER A 127 -6.91 -3.82 -2.26
C SER A 127 -7.33 -4.17 -0.84
N SER A 128 -6.73 -5.24 -0.32
CA SER A 128 -7.01 -5.73 1.02
C SER A 128 -5.72 -6.27 1.63
N ALA A 129 -5.79 -6.59 2.92
CA ALA A 129 -4.62 -7.14 3.60
C ALA A 129 -4.29 -8.50 2.97
N ASN A 130 -5.29 -9.17 2.41
CA ASN A 130 -5.02 -10.46 1.79
C ASN A 130 -4.74 -10.43 0.29
N SER A 131 -4.56 -9.23 -0.27
CA SER A 131 -4.21 -9.10 -1.68
C SER A 131 -2.79 -9.63 -1.79
N ALA A 132 -2.51 -10.42 -2.82
CA ALA A 132 -1.18 -11.00 -2.98
C ALA A 132 -0.04 -9.99 -2.99
N ILE A 133 -0.25 -8.82 -3.63
CA ILE A 133 0.83 -7.85 -3.66
C ILE A 133 1.23 -7.37 -2.27
N TYR A 134 0.26 -7.30 -1.37
CA TYR A 134 0.55 -6.85 -0.02
C TYR A 134 0.93 -7.96 0.95
N ASP A 135 0.44 -9.16 0.72
CA ASP A 135 0.80 -10.28 1.57
C ASP A 135 2.29 -10.55 1.31
N THR A 136 2.71 -10.41 0.06
CA THR A 136 4.09 -10.62 -0.32
C THR A 136 5.00 -9.53 0.26
N LEU A 137 4.54 -8.28 0.21
CA LEU A 137 5.31 -7.17 0.76
C LEU A 137 5.51 -7.35 2.26
N CYS A 138 4.44 -7.72 2.96
CA CYS A 138 4.55 -7.91 4.41
C CYS A 138 5.50 -9.05 4.76
N ARG A 139 5.45 -10.13 3.99
CA ARG A 139 6.35 -11.25 4.23
C ARG A 139 7.79 -10.83 4.04
N ARG A 140 8.04 -9.99 3.03
CA ARG A 140 9.39 -9.52 2.79
C ARG A 140 9.84 -8.62 3.93
N LEU A 141 8.94 -7.79 4.46
CA LEU A 141 9.29 -6.92 5.58
C LEU A 141 9.73 -7.74 6.80
N VAL A 142 9.01 -8.81 7.10
CA VAL A 142 9.34 -9.66 8.24
C VAL A 142 10.77 -10.19 8.11
N GLY A 143 11.12 -10.68 6.93
CA GLY A 143 12.44 -11.24 6.71
C GLY A 143 13.57 -10.25 6.57
N LEU A 144 13.29 -9.07 6.03
CA LEU A 144 14.32 -8.06 5.83
C LEU A 144 14.52 -7.14 7.03
N CYS A 145 13.54 -7.11 7.93
CA CYS A 145 13.63 -6.27 9.12
C CYS A 145 13.70 -7.10 10.40
N LYS A 146 13.47 -8.40 10.27
CA LYS A 146 13.49 -9.30 11.42
C LYS A 146 12.52 -8.70 12.45
N CYS A 147 11.24 -8.80 12.17
CA CYS A 147 10.22 -8.25 13.05
C CYS A 147 8.85 -8.84 12.75
N VAL A 148 7.86 -8.42 13.54
CA VAL A 148 6.49 -8.87 13.36
C VAL A 148 5.74 -7.78 12.59
N VAL A 149 4.87 -8.20 11.67
CA VAL A 149 4.08 -7.25 10.89
C VAL A 149 2.61 -7.56 11.07
N VAL A 150 1.81 -6.52 11.28
CA VAL A 150 0.37 -6.66 11.43
C VAL A 150 -0.23 -5.78 10.33
N SER A 151 -0.89 -6.41 9.37
CA SER A 151 -1.49 -5.71 8.23
C SER A 151 -3.00 -5.52 8.43
N VAL A 152 -3.45 -4.27 8.40
CA VAL A 152 -4.85 -3.95 8.63
C VAL A 152 -5.74 -3.97 7.39
N ASN A 153 -6.85 -4.68 7.47
CA ASN A 153 -7.79 -4.75 6.35
C ASN A 153 -8.83 -3.66 6.56
N TYR A 154 -8.38 -2.41 6.47
CA TYR A 154 -9.24 -1.25 6.69
C TYR A 154 -10.34 -1.10 5.64
N ARG A 155 -11.44 -0.44 6.04
CA ARG A 155 -12.58 -0.24 5.14
C ARG A 155 -12.26 0.77 4.04
N ARG A 156 -12.75 0.47 2.84
CA ARG A 156 -12.50 1.25 1.64
C ARG A 156 -13.61 2.17 1.14
N ALA A 157 -13.21 3.24 0.48
CA ALA A 157 -14.13 4.20 -0.13
C ALA A 157 -14.48 3.60 -1.49
N PRO A 158 -15.57 4.05 -2.13
CA PRO A 158 -16.51 5.09 -1.66
C PRO A 158 -17.56 4.63 -0.65
N GLU A 159 -17.69 3.31 -0.48
CA GLU A 159 -18.68 2.77 0.43
C GLU A 159 -18.45 3.15 1.89
N ASN A 160 -17.18 3.20 2.29
CA ASN A 160 -16.79 3.55 3.66
C ASN A 160 -15.71 4.62 3.57
N PRO A 161 -16.12 5.87 3.35
CA PRO A 161 -15.18 7.00 3.23
C PRO A 161 -14.66 7.55 4.56
N TYR A 162 -13.97 8.67 4.49
CA TYR A 162 -13.42 9.33 5.68
C TYR A 162 -14.53 9.41 6.73
N PRO A 163 -14.21 9.17 8.00
CA PRO A 163 -12.90 8.82 8.58
C PRO A 163 -12.78 7.33 8.89
N CYS A 164 -13.64 6.52 8.27
CA CYS A 164 -13.63 5.09 8.54
C CYS A 164 -12.25 4.42 8.53
N ALA A 165 -11.46 4.68 7.49
CA ALA A 165 -10.13 4.06 7.42
C ALA A 165 -9.27 4.45 8.63
N TYR A 166 -9.31 5.71 9.04
CA TYR A 166 -8.51 6.14 10.18
C TYR A 166 -8.99 5.48 11.47
N ASP A 167 -10.31 5.34 11.60
CA ASP A 167 -10.89 4.71 12.78
C ASP A 167 -10.44 3.25 12.88
N ASP A 168 -10.38 2.57 11.74
CA ASP A 168 -9.94 1.19 11.73
C ASP A 168 -8.48 1.09 12.16
N GLY A 169 -7.67 2.06 11.73
CA GLY A 169 -6.27 2.05 12.09
C GLY A 169 -6.07 2.28 13.57
N TRP A 170 -6.92 3.11 14.16
CA TRP A 170 -6.86 3.41 15.58
C TRP A 170 -7.20 2.14 16.36
N ILE A 171 -8.27 1.48 15.97
CA ILE A 171 -8.68 0.23 16.62
C ILE A 171 -7.56 -0.80 16.54
N ALA A 172 -6.92 -0.89 15.38
CA ALA A 172 -5.83 -1.85 15.19
C ALA A 172 -4.61 -1.49 16.04
N LEU A 173 -4.31 -0.20 16.16
CA LEU A 173 -3.18 0.25 16.95
C LEU A 173 -3.35 -0.12 18.42
N ASN A 174 -4.57 0.08 18.93
CA ASN A 174 -4.87 -0.25 20.32
C ASN A 174 -4.79 -1.75 20.55
N TRP A 175 -5.27 -2.52 19.58
CA TRP A 175 -5.23 -3.97 19.67
C TRP A 175 -3.78 -4.42 19.77
N VAL A 176 -2.93 -3.90 18.88
CA VAL A 176 -1.52 -4.24 18.89
C VAL A 176 -0.83 -3.84 20.19
N ASN A 177 -1.06 -2.61 20.62
CA ASN A 177 -0.44 -2.11 21.85
C ASN A 177 -0.86 -2.85 23.11
N SER A 178 -2.01 -3.53 23.06
CA SER A 178 -2.50 -4.26 24.22
C SER A 178 -2.21 -5.76 24.21
N ARG A 179 -1.45 -6.22 23.21
CA ARG A 179 -1.10 -7.64 23.15
C ARG A 179 0.07 -7.92 24.07
N SER A 180 -0.16 -8.72 25.10
CA SER A 180 0.89 -9.06 26.05
C SER A 180 2.01 -9.83 25.34
N TRP A 181 1.62 -10.68 24.39
CA TRP A 181 2.60 -11.48 23.66
C TRP A 181 3.44 -10.70 22.64
N LEU A 182 3.22 -9.39 22.53
CA LEU A 182 4.00 -8.58 21.61
C LEU A 182 4.95 -7.63 22.35
N LYS A 183 4.98 -7.73 23.67
CA LYS A 183 5.85 -6.90 24.49
C LYS A 183 7.33 -7.29 24.38
N SER A 184 8.20 -6.28 24.29
CA SER A 184 9.64 -6.51 24.20
C SER A 184 10.18 -6.68 25.62
N LYS A 185 11.17 -7.54 25.79
CA LYS A 185 11.76 -7.79 27.11
C LYS A 185 12.38 -6.56 27.76
N LYS A 186 13.09 -5.77 26.96
CA LYS A 186 13.75 -4.56 27.46
C LYS A 186 12.91 -3.70 28.39
N ASP A 187 11.89 -3.07 27.82
CA ASP A 187 11.04 -2.17 28.60
C ASP A 187 9.62 -2.66 28.82
N SER A 188 9.37 -3.94 28.55
CA SER A 188 8.03 -4.51 28.75
C SER A 188 6.98 -3.74 27.97
N LYS A 189 7.40 -3.11 26.87
CA LYS A 189 6.48 -2.34 26.04
C LYS A 189 6.50 -2.86 24.61
N VAL A 190 5.42 -2.62 23.88
CA VAL A 190 5.35 -3.05 22.49
C VAL A 190 6.00 -1.94 21.66
N HIS A 191 7.02 -2.29 20.89
CA HIS A 191 7.71 -1.32 20.07
C HIS A 191 6.98 -1.20 18.73
N ILE A 192 6.16 -0.16 18.63
CA ILE A 192 5.34 0.05 17.44
C ILE A 192 5.85 1.05 16.41
N PHE A 193 5.79 0.63 15.15
CA PHE A 193 6.18 1.46 14.02
C PHE A 193 4.98 1.42 13.07
N LEU A 194 4.59 2.58 12.54
CA LEU A 194 3.48 2.62 11.61
C LEU A 194 4.08 2.68 10.20
N ALA A 195 3.49 1.94 9.27
CA ALA A 195 3.99 1.93 7.90
C ALA A 195 2.85 1.83 6.90
N GLY A 196 3.08 2.35 5.70
CA GLY A 196 2.05 2.27 4.69
C GLY A 196 2.47 2.92 3.39
N ASP A 197 1.95 2.40 2.29
CA ASP A 197 2.26 2.96 0.97
C ASP A 197 0.99 3.59 0.44
N SER A 198 1.12 4.58 -0.44
CA SER A 198 -0.07 5.20 -1.02
C SER A 198 -1.01 5.69 0.09
N SER A 199 -2.29 5.35 0.00
CA SER A 199 -3.27 5.75 1.01
C SER A 199 -2.89 5.22 2.40
N GLY A 200 -2.18 4.10 2.43
CA GLY A 200 -1.76 3.52 3.69
C GLY A 200 -0.79 4.44 4.41
N GLY A 201 -0.01 5.20 3.63
CA GLY A 201 0.93 6.13 4.23
C GLY A 201 0.18 7.28 4.86
N ASN A 202 -0.89 7.70 4.19
CA ASN A 202 -1.74 8.78 4.67
C ASN A 202 -2.37 8.32 6.00
N ILE A 203 -2.84 7.08 6.03
CA ILE A 203 -3.46 6.53 7.24
C ILE A 203 -2.46 6.51 8.40
N ALA A 204 -1.23 6.11 8.12
CA ALA A 204 -0.19 6.05 9.15
C ALA A 204 0.02 7.42 9.77
N HIS A 205 0.11 8.45 8.94
CA HIS A 205 0.29 9.81 9.44
C HIS A 205 -0.82 10.17 10.42
N ASN A 206 -2.06 9.95 9.99
CA ASN A 206 -3.21 10.30 10.80
C ASN A 206 -3.41 9.46 12.05
N VAL A 207 -3.01 8.19 12.00
CA VAL A 207 -3.13 7.34 13.17
C VAL A 207 -2.08 7.81 14.18
N ALA A 208 -0.91 8.21 13.68
CA ALA A 208 0.17 8.70 14.53
C ALA A 208 -0.28 9.95 15.29
N LEU A 209 -1.01 10.83 14.60
CA LEU A 209 -1.48 12.06 15.24
C LEU A 209 -2.40 11.72 16.41
N ARG A 210 -3.31 10.78 16.19
CA ARG A 210 -4.24 10.38 17.22
C ARG A 210 -3.54 9.65 18.36
N ALA A 211 -2.48 8.91 18.03
CA ALA A 211 -1.71 8.17 19.02
C ALA A 211 -1.06 9.14 20.01
N GLY A 212 -0.40 10.16 19.48
CA GLY A 212 0.27 11.14 20.31
C GLY A 212 -0.68 11.83 21.27
N GLU A 213 -1.94 11.99 20.86
CA GLU A 213 -2.93 12.65 21.69
C GLU A 213 -3.44 11.73 22.80
N SER A 214 -3.04 10.47 22.75
CA SER A 214 -3.44 9.49 23.76
C SER A 214 -2.21 9.04 24.54
N GLY A 215 -2.22 7.80 25.02
CA GLY A 215 -1.09 7.30 25.78
C GLY A 215 -0.21 6.33 25.02
N ILE A 216 -0.38 6.28 23.69
CA ILE A 216 0.41 5.37 22.87
C ILE A 216 1.56 6.09 22.18
N ASP A 217 2.77 5.60 22.41
CA ASP A 217 3.97 6.20 21.81
C ASP A 217 4.51 5.40 20.64
N VAL A 218 4.26 5.88 19.42
CA VAL A 218 4.75 5.20 18.23
C VAL A 218 6.22 5.58 18.07
N LEU A 219 7.05 4.58 17.80
CA LEU A 219 8.49 4.79 17.67
C LEU A 219 8.95 5.37 16.34
N GLY A 220 8.12 5.23 15.31
CA GLY A 220 8.48 5.76 14.00
C GLY A 220 7.46 5.46 12.93
N ASN A 221 7.46 6.28 11.88
CA ASN A 221 6.53 6.10 10.75
C ASN A 221 7.32 5.88 9.47
N ILE A 222 6.85 4.95 8.65
CA ILE A 222 7.48 4.66 7.37
C ILE A 222 6.42 4.88 6.30
N LEU A 223 6.60 5.93 5.50
CA LEU A 223 5.66 6.27 4.44
C LEU A 223 6.26 6.06 3.05
N LEU A 224 5.67 5.15 2.27
CA LEU A 224 6.15 4.86 0.93
C LEU A 224 5.21 5.50 -0.10
N ASN A 225 5.70 6.49 -0.85
CA ASN A 225 4.90 7.21 -1.83
C ASN A 225 3.54 7.54 -1.21
N PRO A 226 3.55 8.19 -0.03
CA PRO A 226 2.30 8.54 0.65
C PRO A 226 1.33 9.38 -0.18
N MET A 227 0.05 9.05 -0.08
CA MET A 227 -0.99 9.75 -0.82
C MET A 227 -1.47 11.02 -0.13
N PHE A 228 -1.01 12.17 -0.62
CA PHE A 228 -1.41 13.48 -0.10
C PHE A 228 -1.71 14.37 -1.30
N GLY A 229 -2.45 15.45 -1.06
CA GLY A 229 -2.79 16.35 -2.14
C GLY A 229 -3.22 17.73 -1.65
N GLY A 230 -3.94 18.45 -2.49
CA GLY A 230 -4.40 19.78 -2.13
C GLY A 230 -5.18 20.39 -3.28
N ASN A 231 -5.75 21.57 -3.08
CA ASN A 231 -6.51 22.20 -4.16
C ASN A 231 -5.63 22.60 -5.33
N GLU A 232 -4.44 23.09 -5.04
CA GLU A 232 -3.52 23.53 -6.09
C GLU A 232 -2.98 22.40 -6.95
N ARG A 233 -2.74 22.72 -8.22
CA ARG A 233 -2.18 21.76 -9.17
C ARG A 233 -0.69 22.02 -9.18
N THR A 234 0.07 21.15 -8.53
CA THR A 234 1.52 21.31 -8.47
C THR A 234 2.15 21.15 -9.85
N GLU A 235 3.41 21.55 -9.97
CA GLU A 235 4.11 21.45 -11.23
C GLU A 235 4.32 19.99 -11.65
N SER A 236 4.59 19.11 -10.69
CA SER A 236 4.79 17.70 -11.02
C SER A 236 3.50 17.08 -11.54
N GLU A 237 2.36 17.52 -11.01
CA GLU A 237 1.08 16.99 -11.47
C GLU A 237 0.83 17.38 -12.92
N LYS A 238 1.12 18.62 -13.26
CA LYS A 238 0.91 19.11 -14.61
C LYS A 238 1.88 18.48 -15.63
N SER A 239 3.14 18.33 -15.22
CA SER A 239 4.16 17.78 -16.11
C SER A 239 4.18 16.26 -16.28
N LEU A 240 3.80 15.52 -15.23
CA LEU A 240 3.82 14.06 -15.32
C LEU A 240 2.48 13.38 -15.58
N ASP A 241 1.41 14.16 -15.63
CA ASP A 241 0.08 13.62 -15.86
C ASP A 241 0.00 12.59 -16.98
N GLY A 242 -0.42 11.37 -16.63
CA GLY A 242 -0.56 10.29 -17.59
C GLY A 242 0.69 9.68 -18.19
N LYS A 243 1.87 10.18 -17.80
CA LYS A 243 3.12 9.65 -18.36
C LYS A 243 3.63 8.40 -17.67
N TYR A 244 3.36 8.28 -16.38
CA TYR A 244 3.84 7.12 -15.63
C TYR A 244 2.76 6.46 -14.77
N PHE A 245 1.79 5.86 -15.46
CA PHE A 245 0.69 5.12 -14.85
C PHE A 245 -0.43 5.90 -14.17
N VAL A 246 -0.10 7.04 -13.58
CA VAL A 246 -1.09 7.82 -12.84
C VAL A 246 -1.58 9.06 -13.57
N THR A 247 -2.87 9.40 -13.38
CA THR A 247 -3.44 10.59 -14.01
C THR A 247 -4.05 11.50 -12.95
N VAL A 248 -4.07 12.80 -13.22
CA VAL A 248 -4.66 13.72 -12.26
C VAL A 248 -6.14 13.41 -12.17
N ARG A 249 -6.72 12.98 -13.29
CA ARG A 249 -8.14 12.63 -13.30
C ARG A 249 -8.46 11.52 -12.30
N ASP A 250 -7.66 10.46 -12.24
CA ASP A 250 -7.99 9.43 -11.27
C ASP A 250 -7.67 9.88 -9.84
N ARG A 251 -6.64 10.69 -9.68
CA ARG A 251 -6.31 11.21 -8.34
C ARG A 251 -7.54 11.97 -7.82
N ASP A 252 -8.11 12.84 -8.66
CA ASP A 252 -9.28 13.64 -8.28
C ASP A 252 -10.45 12.72 -7.90
N TRP A 253 -10.61 11.64 -8.66
CA TRP A 253 -11.69 10.69 -8.43
C TRP A 253 -11.60 10.04 -7.06
N TYR A 254 -10.40 9.55 -6.69
CA TYR A 254 -10.22 8.92 -5.39
C TYR A 254 -10.40 9.90 -4.24
N TRP A 255 -9.90 11.12 -4.40
CA TRP A 255 -10.08 12.10 -3.33
C TRP A 255 -11.57 12.39 -3.13
N LYS A 256 -12.31 12.53 -4.23
CA LYS A 256 -13.75 12.78 -4.15
C LYS A 256 -14.50 11.61 -3.52
N ALA A 257 -14.04 10.39 -3.76
CA ALA A 257 -14.71 9.22 -3.19
C ALA A 257 -14.44 9.08 -1.70
N PHE A 258 -13.26 9.54 -1.27
CA PHE A 258 -12.84 9.43 0.13
C PHE A 258 -13.29 10.58 1.03
N LEU A 259 -13.15 11.81 0.54
CA LEU A 259 -13.50 12.97 1.35
C LEU A 259 -15.00 13.17 1.53
N PRO A 260 -15.39 13.86 2.61
CA PRO A 260 -16.81 14.11 2.89
C PRO A 260 -17.48 14.87 1.74
N GLU A 261 -18.78 14.68 1.58
CA GLU A 261 -19.51 15.38 0.52
C GLU A 261 -19.37 16.87 0.73
N GLY A 262 -19.10 17.60 -0.35
CA GLY A 262 -18.97 19.04 -0.26
C GLY A 262 -17.59 19.55 0.15
N GLU A 263 -16.70 18.65 0.52
CA GLU A 263 -15.36 19.06 0.92
C GLU A 263 -14.44 19.19 -0.28
N ASP A 264 -13.30 19.84 -0.08
CA ASP A 264 -12.30 19.96 -1.14
C ASP A 264 -10.98 19.41 -0.63
N ARG A 265 -9.96 19.45 -1.46
CA ARG A 265 -8.67 18.89 -1.10
C ARG A 265 -7.82 19.61 -0.06
N GLU A 266 -8.36 20.68 0.52
CA GLU A 266 -7.62 21.38 1.58
C GLU A 266 -8.08 20.83 2.93
N HIS A 267 -8.94 19.81 2.88
CA HIS A 267 -9.40 19.15 4.09
C HIS A 267 -8.13 18.48 4.63
N PRO A 268 -7.89 18.52 5.95
CA PRO A 268 -6.72 17.93 6.58
C PRO A 268 -6.43 16.46 6.24
N ALA A 269 -7.47 15.72 5.89
CA ALA A 269 -7.32 14.31 5.53
C ALA A 269 -6.59 14.16 4.21
N CYS A 270 -6.69 15.19 3.37
CA CYS A 270 -6.03 15.19 2.07
C CYS A 270 -4.69 15.90 2.17
N ASN A 271 -4.71 17.09 2.76
CA ASN A 271 -3.51 17.91 2.92
C ASN A 271 -3.20 18.09 4.40
N PRO A 272 -2.32 17.24 4.96
CA PRO A 272 -1.97 17.34 6.38
C PRO A 272 -1.34 18.67 6.80
N PHE A 273 -0.88 19.46 5.84
CA PHE A 273 -0.30 20.75 6.16
C PHE A 273 -1.16 21.89 5.63
N SER A 274 -2.45 21.60 5.53
CA SER A 274 -3.44 22.56 5.09
C SER A 274 -3.61 23.60 6.20
N PRO A 275 -4.05 24.82 5.85
CA PRO A 275 -4.24 25.85 6.87
C PRO A 275 -5.22 25.34 7.94
N ARG A 276 -6.06 24.38 7.54
CA ARG A 276 -7.06 23.81 8.44
C ARG A 276 -6.46 22.75 9.37
N GLY A 277 -5.27 22.27 9.03
CA GLY A 277 -4.62 21.26 9.85
C GLY A 277 -3.96 21.80 11.10
N LYS A 278 -3.95 21.00 12.16
CA LYS A 278 -3.35 21.41 13.42
C LYS A 278 -1.82 21.47 13.24
N SER A 279 -1.20 22.48 13.83
CA SER A 279 0.24 22.65 13.73
C SER A 279 0.94 21.49 14.43
N LEU A 280 2.09 21.09 13.89
CA LEU A 280 2.84 20.00 14.47
C LEU A 280 4.00 20.55 15.28
N GLU A 281 4.03 21.87 15.42
CA GLU A 281 5.07 22.59 16.16
C GLU A 281 5.00 22.23 17.65
N GLY A 282 6.07 21.64 18.17
CA GLY A 282 6.11 21.27 19.57
C GLY A 282 5.17 20.14 19.92
N VAL A 283 4.89 19.26 18.95
CA VAL A 283 3.99 18.14 19.18
C VAL A 283 4.75 16.82 19.30
N SER A 284 4.19 15.90 20.09
CA SER A 284 4.80 14.58 20.28
C SER A 284 4.51 13.74 19.04
N PHE A 285 5.47 13.73 18.11
CA PHE A 285 5.32 12.98 16.86
C PHE A 285 6.55 12.10 16.64
N PRO A 286 6.34 10.87 16.15
CA PRO A 286 7.47 9.96 15.91
C PRO A 286 8.36 10.35 14.73
N LYS A 287 9.58 9.82 14.72
CA LYS A 287 10.53 10.09 13.64
C LYS A 287 9.91 9.50 12.38
N SER A 288 10.25 10.06 11.22
CA SER A 288 9.68 9.56 9.97
C SER A 288 10.69 9.25 8.88
N LEU A 289 10.36 8.24 8.07
CA LEU A 289 11.15 7.84 6.91
C LEU A 289 10.17 8.04 5.76
N VAL A 290 10.40 9.08 4.95
CA VAL A 290 9.51 9.38 3.84
C VAL A 290 10.19 9.07 2.51
N VAL A 291 9.61 8.11 1.76
CA VAL A 291 10.16 7.71 0.48
C VAL A 291 9.32 8.32 -0.64
N VAL A 292 9.98 9.07 -1.53
CA VAL A 292 9.29 9.73 -2.63
C VAL A 292 9.82 9.28 -3.98
N ALA A 293 8.93 8.76 -4.82
CA ALA A 293 9.31 8.33 -6.16
C ALA A 293 9.33 9.57 -7.04
N GLY A 294 10.46 9.82 -7.71
CA GLY A 294 10.59 10.99 -8.55
C GLY A 294 9.60 11.08 -9.72
N LEU A 295 9.12 9.94 -10.20
CA LEU A 295 8.18 9.94 -11.31
C LEU A 295 6.73 9.74 -10.87
N ASP A 296 6.46 9.96 -9.59
CA ASP A 296 5.10 9.86 -9.05
C ASP A 296 4.58 11.28 -9.27
N LEU A 297 3.44 11.43 -9.97
CA LEU A 297 2.94 12.77 -10.25
C LEU A 297 2.63 13.64 -9.03
N ILE A 298 2.41 13.03 -7.86
CA ILE A 298 2.15 13.84 -6.67
C ILE A 298 3.43 14.06 -5.86
N ARG A 299 4.57 13.87 -6.53
CA ARG A 299 5.88 14.05 -5.94
C ARG A 299 6.00 15.36 -5.16
N ASP A 300 5.53 16.46 -5.75
CA ASP A 300 5.61 17.76 -5.09
C ASP A 300 4.87 17.81 -3.75
N TRP A 301 3.75 17.11 -3.66
CA TRP A 301 2.99 17.09 -2.40
C TRP A 301 3.74 16.28 -1.35
N GLN A 302 4.37 15.18 -1.79
CA GLN A 302 5.13 14.33 -0.90
C GLN A 302 6.38 15.03 -0.40
N LEU A 303 7.04 15.78 -1.29
CA LEU A 303 8.24 16.52 -0.90
C LEU A 303 7.82 17.60 0.09
N ALA A 304 6.68 18.23 -0.16
CA ALA A 304 6.16 19.28 0.72
C ALA A 304 5.83 18.71 2.09
N TYR A 305 5.43 17.44 2.12
CA TYR A 305 5.08 16.79 3.38
C TYR A 305 6.34 16.61 4.21
N ALA A 306 7.40 16.08 3.60
CA ALA A 306 8.65 15.89 4.32
C ALA A 306 9.20 17.22 4.81
N GLU A 307 9.06 18.26 4.00
CA GLU A 307 9.53 19.59 4.38
C GLU A 307 8.66 20.17 5.49
N GLY A 308 7.37 19.83 5.47
CA GLY A 308 6.47 20.32 6.50
C GLY A 308 6.90 19.79 7.86
N LEU A 309 7.21 18.51 7.92
CA LEU A 309 7.66 17.88 9.16
C LEU A 309 8.94 18.53 9.65
N LYS A 310 9.93 18.64 8.75
CA LYS A 310 11.21 19.24 9.12
C LYS A 310 11.01 20.65 9.66
N LYS A 311 10.17 21.43 9.00
CA LYS A 311 9.90 22.80 9.41
C LYS A 311 9.23 22.86 10.78
N ALA A 312 8.47 21.82 11.12
CA ALA A 312 7.78 21.75 12.40
C ALA A 312 8.71 21.19 13.47
N GLY A 313 9.98 21.00 13.12
CA GLY A 313 10.94 20.48 14.06
C GLY A 313 10.88 18.99 14.32
N GLN A 314 10.22 18.26 13.43
CA GLN A 314 10.12 16.80 13.59
C GLN A 314 11.31 16.11 12.93
N GLU A 315 11.63 14.92 13.41
CA GLU A 315 12.74 14.16 12.85
C GLU A 315 12.24 13.51 11.56
N VAL A 316 12.88 13.83 10.44
CA VAL A 316 12.46 13.26 9.17
C VAL A 316 13.62 12.92 8.23
N LYS A 317 13.60 11.70 7.71
CA LYS A 317 14.60 11.20 6.78
C LYS A 317 13.93 11.10 5.42
N LEU A 318 14.38 11.91 4.46
CA LEU A 318 13.80 11.89 3.12
C LEU A 318 14.61 11.11 2.10
N MET A 319 13.93 10.21 1.38
CA MET A 319 14.56 9.41 0.34
C MET A 319 13.85 9.75 -0.97
N HIS A 320 14.46 10.64 -1.77
CA HIS A 320 13.89 11.03 -3.04
C HIS A 320 14.57 10.25 -4.17
N LEU A 321 13.89 9.22 -4.66
CA LEU A 321 14.40 8.36 -5.71
C LEU A 321 13.93 8.94 -7.04
N GLU A 322 14.75 9.84 -7.60
CA GLU A 322 14.40 10.54 -8.83
C GLU A 322 13.90 9.77 -10.06
N LYS A 323 14.29 8.52 -10.24
CA LYS A 323 13.81 7.77 -11.40
C LYS A 323 12.85 6.63 -11.06
N ALA A 324 12.37 6.59 -9.83
CA ALA A 324 11.43 5.55 -9.41
C ALA A 324 10.00 5.95 -9.73
N THR A 325 9.14 4.96 -9.93
CA THR A 325 7.73 5.21 -10.22
C THR A 325 6.89 4.64 -9.10
N VAL A 326 5.57 4.81 -9.18
CA VAL A 326 4.70 4.23 -8.17
C VAL A 326 4.89 2.71 -8.31
N GLY A 327 4.66 1.98 -7.22
CA GLY A 327 4.78 0.54 -7.24
C GLY A 327 6.16 -0.08 -7.36
N PHE A 328 7.21 0.72 -7.25
CA PHE A 328 8.57 0.18 -7.39
C PHE A 328 8.91 -0.88 -6.33
N TYR A 329 8.19 -0.87 -5.22
CA TYR A 329 8.45 -1.80 -4.12
C TYR A 329 7.67 -3.12 -4.18
N LEU A 330 6.94 -3.35 -5.27
CA LEU A 330 6.16 -4.58 -5.40
C LEU A 330 6.96 -5.75 -5.96
N LEU A 331 8.06 -5.45 -6.65
CA LEU A 331 8.95 -6.49 -7.21
C LEU A 331 10.40 -6.18 -6.81
N PRO A 332 11.14 -7.21 -6.36
CA PRO A 332 12.54 -7.05 -5.95
C PRO A 332 13.51 -7.11 -7.14
N ASN A 333 13.25 -6.30 -8.16
CA ASN A 333 14.06 -6.30 -9.37
C ASN A 333 14.65 -4.95 -9.73
N ASN A 334 14.79 -4.06 -8.74
CA ASN A 334 15.33 -2.74 -9.01
C ASN A 334 16.04 -2.20 -7.78
N ASN A 335 16.98 -1.28 -8.00
CA ASN A 335 17.74 -0.71 -6.90
C ASN A 335 16.93 0.14 -5.93
N HIS A 336 15.80 0.67 -6.39
CA HIS A 336 14.97 1.48 -5.51
C HIS A 336 14.44 0.57 -4.40
N PHE A 337 13.97 -0.62 -4.78
CA PHE A 337 13.46 -1.58 -3.80
C PHE A 337 14.55 -1.95 -2.80
N HIS A 338 15.72 -2.33 -3.30
CA HIS A 338 16.82 -2.73 -2.44
C HIS A 338 17.26 -1.62 -1.48
N ASN A 339 17.50 -0.43 -2.03
CA ASN A 339 17.92 0.71 -1.21
C ASN A 339 16.89 1.04 -0.14
N VAL A 340 15.61 1.01 -0.50
CA VAL A 340 14.56 1.31 0.46
C VAL A 340 14.42 0.26 1.55
N MET A 341 14.49 -1.02 1.19
CA MET A 341 14.40 -2.07 2.19
C MET A 341 15.57 -1.96 3.17
N ASP A 342 16.74 -1.59 2.67
CA ASP A 342 17.89 -1.43 3.55
C ASP A 342 17.64 -0.31 4.57
N GLU A 343 17.10 0.81 4.10
CA GLU A 343 16.83 1.93 4.99
C GLU A 343 15.70 1.62 5.98
N ILE A 344 14.71 0.86 5.56
CA ILE A 344 13.61 0.52 6.46
C ILE A 344 14.15 -0.31 7.62
N SER A 345 15.01 -1.26 7.31
CA SER A 345 15.59 -2.11 8.35
C SER A 345 16.42 -1.27 9.32
N ALA A 346 17.26 -0.39 8.77
CA ALA A 346 18.10 0.47 9.60
C ALA A 346 17.24 1.36 10.49
N PHE A 347 16.16 1.87 9.91
CA PHE A 347 15.22 2.77 10.61
C PHE A 347 14.53 2.10 11.78
N VAL A 348 14.01 0.89 11.56
CA VAL A 348 13.28 0.17 12.60
C VAL A 348 14.19 -0.37 13.70
N ASN A 349 15.40 -0.77 13.35
CA ASN A 349 16.32 -1.34 14.34
C ASN A 349 17.31 -0.35 14.94
N ALA A 350 17.17 0.92 14.58
CA ALA A 350 18.05 1.97 15.09
C ALA A 350 17.84 2.18 16.59
N GLY B 23 8.45 -21.96 -16.84
CA GLY B 23 8.84 -20.81 -17.71
C GLY B 23 8.05 -19.57 -17.40
N MET B 24 7.36 -19.58 -16.27
CA MET B 24 6.55 -18.44 -15.83
C MET B 24 7.42 -17.45 -15.07
N ASP B 25 7.04 -16.17 -15.13
CA ASP B 25 7.79 -15.14 -14.40
C ASP B 25 7.43 -15.34 -12.94
N GLU B 26 8.40 -15.80 -12.15
CA GLU B 26 8.15 -16.06 -10.74
C GLU B 26 7.88 -14.82 -9.89
N LEU B 27 8.36 -13.65 -10.33
CA LEU B 27 8.12 -12.44 -9.55
C LEU B 27 6.67 -12.00 -9.69
N LEU B 28 6.01 -12.41 -10.78
CA LEU B 28 4.61 -12.07 -10.99
C LEU B 28 3.74 -13.17 -10.39
N ALA B 29 4.20 -14.41 -10.48
CA ALA B 29 3.47 -15.55 -9.95
C ALA B 29 3.20 -15.39 -8.46
N VAL B 30 4.17 -14.88 -7.72
CA VAL B 30 3.99 -14.70 -6.28
C VAL B 30 2.92 -13.65 -6.03
N LEU B 31 2.69 -12.78 -7.01
CA LEU B 31 1.69 -11.72 -6.89
C LEU B 31 0.32 -12.17 -7.41
N GLY B 32 0.22 -13.42 -7.82
CA GLY B 32 -1.04 -13.96 -8.31
C GLY B 32 -1.26 -13.97 -9.80
N TYR B 33 -0.25 -13.53 -10.56
CA TYR B 33 -0.35 -13.47 -12.01
C TYR B 33 0.51 -14.50 -12.73
N LYS B 34 -0.08 -15.14 -13.73
CA LYS B 34 0.59 -16.18 -14.50
C LYS B 34 0.96 -15.66 -15.89
N VAL B 35 2.26 -15.44 -16.11
CA VAL B 35 2.74 -14.94 -17.40
C VAL B 35 4.07 -15.62 -17.75
N ARG B 36 4.17 -16.18 -18.96
CA ARG B 36 5.41 -16.80 -19.39
C ARG B 36 6.43 -15.70 -19.67
N SER B 37 7.65 -15.88 -19.18
CA SER B 37 8.69 -14.88 -19.37
C SER B 37 8.85 -14.50 -20.84
N SER B 38 8.77 -15.50 -21.73
CA SER B 38 8.92 -15.26 -23.16
C SER B 38 7.77 -14.49 -23.79
N GLU B 39 6.66 -14.35 -23.06
CA GLU B 39 5.50 -13.64 -23.58
C GLU B 39 5.26 -12.30 -22.89
N MET B 40 6.20 -11.86 -22.07
CA MET B 40 6.05 -10.61 -21.35
C MET B 40 5.83 -9.45 -22.31
N ALA B 41 6.63 -9.39 -23.38
CA ALA B 41 6.51 -8.32 -24.36
C ALA B 41 5.15 -8.34 -25.06
N ASP B 42 4.63 -9.53 -25.33
CA ASP B 42 3.34 -9.65 -25.98
C ASP B 42 2.23 -9.19 -25.05
N VAL B 43 2.37 -9.46 -23.76
CA VAL B 43 1.38 -9.02 -22.80
C VAL B 43 1.43 -7.49 -22.72
N ALA B 44 2.65 -6.95 -22.71
CA ALA B 44 2.81 -5.50 -22.65
C ALA B 44 2.13 -4.84 -23.84
N GLN B 45 2.26 -5.46 -25.00
CA GLN B 45 1.64 -4.94 -26.22
C GLN B 45 0.12 -4.92 -26.06
N LYS B 46 -0.44 -6.01 -25.54
CA LYS B 46 -1.87 -6.10 -25.36
C LYS B 46 -2.42 -5.06 -24.38
N LEU B 47 -1.66 -4.79 -23.33
CA LEU B 47 -2.09 -3.80 -22.35
C LEU B 47 -2.24 -2.44 -23.01
N GLU B 48 -1.28 -2.08 -23.86
CA GLU B 48 -1.34 -0.79 -24.55
C GLU B 48 -2.46 -0.76 -25.57
N GLN B 49 -2.68 -1.87 -26.25
CA GLN B 49 -3.74 -1.94 -27.25
C GLN B 49 -5.08 -1.76 -26.55
N LEU B 50 -5.20 -2.30 -25.35
CA LEU B 50 -6.45 -2.18 -24.59
C LEU B 50 -6.65 -0.76 -24.09
N GLU B 51 -5.56 -0.08 -23.74
CA GLU B 51 -5.67 1.30 -23.27
C GLU B 51 -6.13 2.16 -24.44
N VAL B 52 -5.59 1.90 -25.63
CA VAL B 52 -5.96 2.64 -26.82
C VAL B 52 -7.47 2.53 -27.03
N MET B 53 -7.98 1.30 -27.08
CA MET B 53 -9.40 1.09 -27.28
C MET B 53 -10.27 1.74 -26.21
N MET B 54 -9.80 1.73 -24.97
CA MET B 54 -10.56 2.35 -23.89
C MET B 54 -10.67 3.86 -24.06
N SER B 55 -9.60 4.48 -24.55
CA SER B 55 -9.59 5.93 -24.75
C SER B 55 -10.43 6.32 -25.97
N ASN B 56 -11.03 5.31 -26.62
CA ASN B 56 -11.85 5.55 -27.79
C ASN B 56 -13.30 5.14 -27.53
N VAL B 57 -13.54 4.57 -26.36
CA VAL B 57 -14.89 4.14 -25.99
C VAL B 57 -15.63 5.27 -25.28
N LEU B 65 -19.14 -4.00 -21.03
CA LEU B 65 -17.72 -4.32 -21.03
C LEU B 65 -17.32 -5.03 -19.74
N ALA B 66 -17.71 -4.45 -18.62
CA ALA B 66 -17.41 -5.02 -17.31
C ALA B 66 -18.34 -6.19 -17.00
N THR B 67 -19.44 -6.28 -17.75
CA THR B 67 -20.40 -7.34 -17.56
C THR B 67 -19.83 -8.70 -17.95
N GLU B 68 -19.24 -8.77 -19.13
CA GLU B 68 -18.65 -10.02 -19.61
C GLU B 68 -17.31 -10.32 -18.98
N THR B 69 -16.66 -9.30 -18.42
CA THR B 69 -15.35 -9.48 -17.81
C THR B 69 -15.34 -10.47 -16.65
N VAL B 70 -16.42 -10.50 -15.88
CA VAL B 70 -16.52 -11.39 -14.72
C VAL B 70 -16.33 -12.87 -15.06
N HIS B 71 -16.46 -13.23 -16.34
CA HIS B 71 -16.33 -14.62 -16.75
C HIS B 71 -14.89 -15.06 -17.03
N TYR B 72 -14.00 -14.11 -17.28
CA TYR B 72 -12.62 -14.44 -17.61
C TYR B 72 -11.71 -14.66 -16.41
N ASN B 73 -10.71 -15.51 -16.61
CA ASN B 73 -9.72 -15.84 -15.58
C ASN B 73 -8.74 -14.66 -15.50
N PRO B 74 -8.79 -13.86 -14.40
CA PRO B 74 -7.94 -12.69 -14.19
C PRO B 74 -6.45 -12.94 -13.96
N ALA B 75 -6.08 -14.17 -13.63
CA ALA B 75 -4.68 -14.51 -13.37
C ALA B 75 -3.89 -14.73 -14.65
N GLU B 76 -4.57 -15.20 -15.69
CA GLU B 76 -3.95 -15.47 -16.98
C GLU B 76 -4.01 -14.18 -17.79
N LEU B 77 -3.04 -13.29 -17.57
CA LEU B 77 -3.04 -12.00 -18.24
C LEU B 77 -3.13 -12.03 -19.76
N TYR B 78 -2.36 -12.89 -20.40
CA TYR B 78 -2.37 -12.96 -21.86
C TYR B 78 -3.79 -13.18 -22.37
N THR B 79 -4.43 -14.25 -21.90
CA THR B 79 -5.80 -14.56 -22.33
C THR B 79 -6.83 -13.55 -21.84
N TRP B 80 -6.62 -13.01 -20.65
CA TRP B 80 -7.56 -12.04 -20.10
C TRP B 80 -7.61 -10.81 -21.00
N LEU B 81 -6.44 -10.28 -21.32
CA LEU B 81 -6.34 -9.09 -22.16
C LEU B 81 -6.86 -9.39 -23.56
N ASP B 82 -6.44 -10.53 -24.11
CA ASP B 82 -6.87 -10.92 -25.45
C ASP B 82 -8.40 -11.01 -25.51
N SER B 83 -9.01 -11.55 -24.46
CA SER B 83 -10.46 -11.68 -24.40
C SER B 83 -11.12 -10.30 -24.30
N MET B 84 -10.52 -9.40 -23.53
CA MET B 84 -11.06 -8.06 -23.38
C MET B 84 -11.00 -7.28 -24.69
N LEU B 85 -9.86 -7.37 -25.38
CA LEU B 85 -9.69 -6.67 -26.65
C LEU B 85 -10.82 -7.02 -27.61
N THR B 86 -11.12 -8.31 -27.72
CA THR B 86 -12.19 -8.78 -28.60
C THR B 86 -13.52 -8.11 -28.28
N ASP B 87 -13.87 -8.08 -26.99
CA ASP B 87 -15.12 -7.47 -26.54
C ASP B 87 -15.21 -5.99 -26.91
N LEU B 88 -14.10 -5.42 -27.40
CA LEU B 88 -14.07 -4.02 -27.78
C LEU B 88 -13.79 -3.87 -29.27
O71 GA3 C . -3.25 3.40 -5.22
C7 GA3 C . -2.26 3.79 -5.77
O72 GA3 C . -1.57 4.83 -5.35
C6 GA3 C . -1.62 3.15 -7.00
C5 GA3 C . -1.49 1.60 -6.75
C8 GA3 C . -2.43 3.23 -8.30
C15 GA3 C . -4.01 3.35 -8.35
C16 GA3 C . -4.39 4.05 -9.68
C17 GA3 C . -5.58 4.33 -10.14
C13 GA3 C . -3.06 4.34 -10.38
C14 GA3 C . -2.15 4.52 -9.12
O13 GA3 C . -2.96 5.48 -11.24
C12 GA3 C . -2.61 3.14 -11.32
C11 GA3 C . -2.00 1.88 -10.65
C9 GA3 C . -1.89 1.92 -9.07
C10 GA3 C . -1.38 0.97 -8.10
O92 GA3 C . 0.16 1.11 -8.29
C1 GA3 C . -1.69 -0.55 -8.20
C2 GA3 C . -1.30 -1.31 -7.12
C3 GA3 C . -0.60 -0.68 -5.87
O31 GA3 C . -1.62 -0.93 -4.88
C4 GA3 C . -0.35 0.85 -5.93
C18 GA3 C . -0.16 1.35 -4.46
C19 GA3 C . 0.76 1.05 -7.01
O91 GA3 C . 1.94 1.15 -6.85
#